data_2WWG
#
_entry.id   2WWG
#
_cell.length_a   110.741
_cell.length_b   110.741
_cell.length_c   119.361
_cell.angle_alpha   90.00
_cell.angle_beta   90.00
_cell.angle_gamma   120.00
#
_symmetry.space_group_name_H-M   'P 31 2 1'
#
loop_
_entity.id
_entity.type
_entity.pdbx_description
1 polymer 'THYMIDILATE KINASE, PUTATIVE'
2 non-polymer "2'-DEOXYGUANOSINE-5'-MONOPHOSPHATE"
3 non-polymer "ADENOSINE-5'-DIPHOSPHATE"
4 non-polymer 'SODIUM ION'
5 non-polymer GLYCEROL
6 water water
#
_entity_poly.entity_id   1
_entity_poly.type   'polypeptide(L)'
_entity_poly.pdbx_seq_one_letter_code
;SHMTDDKKKGKFIVFEGLDRSGKSTQSKLLVEYLKNNNVEVKHLYFPNRETGIGQIISKYLKMENSMSNETIHLLFSANR
WEHMNEIKSLLLKGIWVVCDRYAYSGVAYSSGALNLNKTWCMNPDQGLIKPDVVFYLNVPPNYAQNRSDYGEEIYEKVET
QKKIYETYKHFAHEDYWINIDATRKIEDIHNDIVKEVTKIKVEPEEFNFLWS
;
_entity_poly.pdbx_strand_id   A,B,C
#
# COMPACT_ATOMS: atom_id res chain seq x y z
N THR A 4 10.26 -24.39 -49.35
CA THR A 4 10.15 -25.54 -48.37
C THR A 4 10.85 -25.19 -47.04
N ASP A 5 10.50 -24.02 -46.49
CA ASP A 5 11.01 -23.61 -45.18
C ASP A 5 10.07 -24.18 -44.13
N ASP A 6 10.62 -24.95 -43.18
CA ASP A 6 9.82 -25.38 -42.05
C ASP A 6 10.50 -25.13 -40.72
N LYS A 7 11.07 -23.93 -40.60
CA LYS A 7 11.61 -23.46 -39.33
C LYS A 7 10.47 -22.85 -38.51
N LYS A 8 10.56 -23.05 -37.20
CA LYS A 8 9.74 -22.34 -36.24
C LYS A 8 10.06 -20.84 -36.26
N LYS A 9 9.11 -20.00 -36.61
CA LYS A 9 9.40 -18.55 -36.70
C LYS A 9 8.87 -17.79 -35.49
N GLY A 10 7.66 -18.14 -35.06
CA GLY A 10 7.04 -17.55 -33.93
C GLY A 10 7.62 -18.12 -32.66
N LYS A 11 7.26 -17.50 -31.57
CA LYS A 11 7.58 -18.02 -30.29
C LYS A 11 6.30 -18.52 -29.58
N PHE A 12 6.50 -19.53 -28.72
CA PHE A 12 5.44 -20.28 -28.09
C PHE A 12 5.57 -20.15 -26.58
N ILE A 13 4.57 -19.52 -25.97
CA ILE A 13 4.60 -19.20 -24.55
C ILE A 13 3.39 -19.81 -23.79
N VAL A 14 3.66 -20.37 -22.62
CA VAL A 14 2.64 -21.13 -21.89
C VAL A 14 2.53 -20.51 -20.53
N PHE A 15 1.32 -20.36 -20.06
CA PHE A 15 1.14 -19.96 -18.67
C PHE A 15 0.66 -21.14 -17.93
N GLU A 16 1.27 -21.42 -16.79
CA GLU A 16 0.86 -22.50 -15.91
C GLU A 16 0.52 -21.95 -14.57
N GLY A 17 -0.26 -22.71 -13.79
CA GLY A 17 -0.62 -22.34 -12.43
C GLY A 17 -1.85 -23.02 -11.90
N LEU A 18 -2.04 -22.88 -10.59
CA LEU A 18 -3.20 -23.41 -9.91
C LEU A 18 -4.41 -22.72 -10.45
N ASP A 19 -5.59 -23.21 -10.01
CA ASP A 19 -6.85 -22.66 -10.45
C ASP A 19 -7.09 -21.25 -9.88
N ARG A 20 -7.55 -20.37 -10.79
CA ARG A 20 -7.86 -18.98 -10.52
C ARG A 20 -6.59 -18.19 -10.09
N SER A 21 -5.45 -18.54 -10.65
CA SER A 21 -4.24 -17.86 -10.34
C SER A 21 -3.94 -16.63 -11.25
N GLY A 22 -4.82 -16.29 -12.21
CA GLY A 22 -4.62 -15.14 -13.12
C GLY A 22 -4.00 -15.49 -14.49
N LYS A 23 -3.98 -16.78 -14.85
CA LYS A 23 -3.49 -17.23 -16.21
C LYS A 23 -4.17 -16.49 -17.32
N SER A 24 -5.50 -16.48 -17.29
CA SER A 24 -6.24 -15.81 -18.33
C SER A 24 -5.99 -14.32 -18.37
N THR A 25 -5.94 -13.72 -17.19
CA THR A 25 -5.67 -12.31 -17.06
C THR A 25 -4.32 -11.96 -17.65
N GLN A 26 -3.29 -12.68 -17.23
CA GLN A 26 -1.95 -12.43 -17.70
C GLN A 26 -1.78 -12.77 -19.16
N SER A 27 -2.43 -13.84 -19.64
CA SER A 27 -2.22 -14.18 -21.02
C SER A 27 -2.93 -13.21 -21.88
N LYS A 28 -4.10 -12.75 -21.50
CA LYS A 28 -4.73 -11.67 -22.30
C LYS A 28 -3.85 -10.41 -22.32
N LEU A 29 -3.31 -10.01 -21.15
CA LEU A 29 -2.38 -8.84 -21.10
C LEU A 29 -1.18 -9.01 -22.03
N LEU A 30 -0.55 -10.17 -21.97
CA LEU A 30 0.60 -10.44 -22.82
C LEU A 30 0.21 -10.31 -24.27
N VAL A 31 -1.02 -10.75 -24.59
CA VAL A 31 -1.47 -10.78 -25.97
C VAL A 31 -1.65 -9.34 -26.47
N GLU A 32 -2.39 -8.56 -25.67
CA GLU A 32 -2.66 -7.15 -25.95
C GLU A 32 -1.31 -6.40 -26.10
N TYR A 33 -0.34 -6.71 -25.25
CA TYR A 33 0.94 -6.04 -25.36
C TYR A 33 1.68 -6.37 -26.61
N LEU A 34 1.59 -7.61 -27.06
CA LEU A 34 2.26 -8.03 -28.30
C LEU A 34 1.57 -7.46 -29.54
N LYS A 35 0.25 -7.32 -29.52
CA LYS A 35 -0.43 -6.70 -30.66
C LYS A 35 0.00 -5.22 -30.80
N ASN A 36 0.09 -4.56 -29.64
CA ASN A 36 0.58 -3.20 -29.55
C ASN A 36 1.98 -3.11 -30.10
N ASN A 37 2.90 -4.02 -29.71
CA ASN A 37 4.26 -3.91 -30.20
C ASN A 37 4.39 -4.59 -31.52
N ASN A 38 3.24 -4.76 -32.13
CA ASN A 38 3.16 -5.20 -33.50
C ASN A 38 3.55 -6.69 -33.80
N VAL A 39 3.66 -7.53 -32.77
CA VAL A 39 3.78 -8.97 -33.01
C VAL A 39 2.44 -9.62 -33.31
N GLU A 40 2.37 -10.37 -34.39
CA GLU A 40 1.14 -11.12 -34.63
C GLU A 40 1.09 -12.33 -33.71
N VAL A 41 -0.07 -12.59 -33.10
CA VAL A 41 -0.16 -13.50 -31.98
C VAL A 41 -1.58 -14.10 -31.85
N LYS A 42 -1.65 -15.31 -31.32
CA LYS A 42 -2.84 -16.12 -31.26
C LYS A 42 -2.94 -16.68 -29.85
N HIS A 43 -4.08 -16.45 -29.23
CA HIS A 43 -4.32 -16.88 -27.87
C HIS A 43 -5.05 -18.24 -27.94
N LEU A 44 -4.45 -19.27 -27.34
CA LEU A 44 -5.08 -20.60 -27.24
C LEU A 44 -5.11 -20.92 -25.78
N TYR A 45 -5.79 -22.02 -25.46
CA TYR A 45 -5.89 -22.59 -24.11
C TYR A 45 -6.34 -24.07 -24.08
N PHE A 46 -5.91 -24.74 -23.01
CA PHE A 46 -6.28 -26.08 -22.78
C PHE A 46 -6.92 -26.20 -21.42
N PRO A 47 -7.94 -27.06 -21.28
CA PRO A 47 -8.49 -27.84 -22.41
C PRO A 47 -9.30 -26.91 -23.26
N ASN A 48 -9.35 -27.23 -24.54
CA ASN A 48 -10.29 -26.62 -25.41
C ASN A 48 -11.59 -27.41 -25.33
N ARG A 49 -12.57 -26.80 -24.64
CA ARG A 49 -13.82 -27.47 -24.34
C ARG A 49 -14.83 -27.52 -25.50
N GLU A 50 -14.47 -26.97 -26.66
CA GLU A 50 -15.41 -26.84 -27.74
C GLU A 50 -15.37 -28.01 -28.72
N THR A 51 -14.35 -28.87 -28.68
CA THR A 51 -14.30 -30.07 -29.57
C THR A 51 -15.11 -31.20 -28.96
N GLY A 52 -15.26 -32.29 -29.70
CA GLY A 52 -15.96 -33.47 -29.15
C GLY A 52 -15.28 -33.94 -27.89
N ILE A 53 -13.94 -33.99 -27.92
CA ILE A 53 -13.20 -34.46 -26.74
C ILE A 53 -13.32 -33.41 -25.61
N GLY A 54 -13.18 -32.13 -26.00
CA GLY A 54 -13.40 -31.03 -25.08
C GLY A 54 -14.72 -31.04 -24.32
N GLN A 55 -15.79 -31.42 -25.01
CA GLN A 55 -17.12 -31.46 -24.38
C GLN A 55 -17.18 -32.48 -23.22
N ILE A 56 -16.55 -33.64 -23.42
CA ILE A 56 -16.52 -34.64 -22.37
C ILE A 56 -15.61 -34.16 -21.25
N ILE A 57 -14.45 -33.63 -21.60
CA ILE A 57 -13.63 -33.01 -20.56
C ILE A 57 -14.46 -32.01 -19.74
N SER A 58 -15.21 -31.20 -20.44
CA SER A 58 -15.99 -30.18 -19.74
C SER A 58 -17.03 -30.82 -18.80
N LYS A 59 -17.74 -31.85 -19.28
CA LYS A 59 -18.69 -32.50 -18.39
C LYS A 59 -17.95 -33.08 -17.18
N TYR A 60 -16.71 -33.50 -17.38
CA TYR A 60 -16.01 -34.10 -16.29
C TYR A 60 -15.69 -33.04 -15.21
N LEU A 61 -15.23 -31.86 -15.64
CA LEU A 61 -14.82 -30.80 -14.71
C LEU A 61 -16.01 -30.23 -13.95
N LYS A 62 -17.19 -30.29 -14.58
CA LYS A 62 -18.40 -29.80 -13.88
C LYS A 62 -19.05 -30.82 -12.97
N MET A 63 -18.41 -31.97 -12.85
CA MET A 63 -18.97 -33.13 -12.16
C MET A 63 -20.32 -33.58 -12.73
N GLU A 64 -20.52 -33.41 -14.05
CA GLU A 64 -21.74 -33.89 -14.70
C GLU A 64 -21.60 -35.35 -15.15
N ASN A 65 -20.36 -35.83 -15.28
CA ASN A 65 -20.11 -37.26 -15.50
C ASN A 65 -18.96 -37.62 -14.57
N SER A 66 -18.60 -38.90 -14.56
CA SER A 66 -17.36 -39.25 -13.94
C SER A 66 -16.74 -40.29 -14.83
N MET A 67 -15.45 -40.62 -14.63
CA MET A 67 -14.66 -41.54 -15.48
C MET A 67 -13.43 -41.96 -14.67
N SER A 68 -12.74 -43.03 -15.07
CA SER A 68 -11.55 -43.47 -14.39
C SER A 68 -10.44 -42.44 -14.56
N ASN A 69 -9.44 -42.45 -13.67
CA ASN A 69 -8.38 -41.47 -13.72
C ASN A 69 -7.64 -41.54 -15.07
N GLU A 70 -7.37 -42.77 -15.53
CA GLU A 70 -6.63 -43.01 -16.73
C GLU A 70 -7.34 -42.46 -17.95
N THR A 71 -8.65 -42.58 -17.99
CA THR A 71 -9.42 -42.14 -19.13
C THR A 71 -9.44 -40.62 -19.27
N ILE A 72 -9.70 -39.92 -18.16
CA ILE A 72 -9.73 -38.48 -18.23
C ILE A 72 -8.32 -37.94 -18.58
N HIS A 73 -7.25 -38.51 -18.01
CA HIS A 73 -5.89 -38.08 -18.40
C HIS A 73 -5.64 -38.22 -19.89
N LEU A 74 -6.14 -39.29 -20.49
CA LEU A 74 -5.83 -39.55 -21.86
C LEU A 74 -6.68 -38.65 -22.72
N LEU A 75 -7.87 -38.31 -22.24
CA LEU A 75 -8.66 -37.35 -22.96
C LEU A 75 -7.98 -35.97 -22.97
N PHE A 76 -7.41 -35.54 -21.84
CA PHE A 76 -6.73 -34.26 -21.80
C PHE A 76 -5.59 -34.23 -22.75
N SER A 77 -4.83 -35.33 -22.81
CA SER A 77 -3.71 -35.45 -23.71
C SER A 77 -4.13 -35.49 -25.15
N ALA A 78 -5.21 -36.25 -25.46
CA ALA A 78 -5.79 -36.20 -26.79
C ALA A 78 -6.23 -34.78 -27.19
N ASN A 79 -6.89 -34.07 -26.31
CA ASN A 79 -7.29 -32.67 -26.55
C ASN A 79 -6.00 -31.83 -26.90
N ARG A 80 -4.93 -31.99 -26.14
CA ARG A 80 -3.66 -31.34 -26.51
C ARG A 80 -3.28 -31.71 -27.94
N TRP A 81 -3.29 -33.01 -28.29
CA TRP A 81 -2.83 -33.41 -29.63
C TRP A 81 -3.69 -32.87 -30.78
N GLU A 82 -4.96 -32.61 -30.54
CA GLU A 82 -5.77 -32.10 -31.62
C GLU A 82 -5.43 -30.63 -32.02
N HIS A 83 -4.44 -30.03 -31.35
CA HIS A 83 -4.06 -28.65 -31.60
C HIS A 83 -2.65 -28.57 -32.20
N MET A 84 -1.97 -29.70 -32.35
CA MET A 84 -0.62 -29.62 -32.87
C MET A 84 -0.53 -29.12 -34.32
N ASN A 85 -1.44 -29.49 -35.21
CA ASN A 85 -1.38 -28.94 -36.55
C ASN A 85 -1.61 -27.43 -36.56
N GLU A 86 -2.55 -26.96 -35.76
CA GLU A 86 -2.85 -25.57 -35.71
C GLU A 86 -1.63 -24.86 -35.16
N ILE A 87 -1.04 -25.39 -34.11
CA ILE A 87 0.12 -24.78 -33.51
C ILE A 87 1.36 -24.75 -34.39
N LYS A 88 1.64 -25.84 -35.07
CA LYS A 88 2.73 -25.85 -36.04
C LYS A 88 2.46 -24.78 -37.12
N SER A 89 1.31 -24.90 -37.78
CA SER A 89 0.86 -23.91 -38.71
C SER A 89 1.19 -22.45 -38.35
N LEU A 90 0.89 -22.05 -37.11
CA LEU A 90 1.00 -20.65 -36.72
C LEU A 90 2.46 -20.35 -36.54
N LEU A 91 3.13 -21.18 -35.77
CA LEU A 91 4.51 -20.98 -35.51
C LEU A 91 5.29 -20.86 -36.80
N LEU A 92 4.91 -21.69 -37.78
CA LEU A 92 5.55 -21.72 -39.08
C LEU A 92 5.34 -20.42 -39.79
N LYS A 93 4.21 -19.78 -39.54
CA LYS A 93 3.87 -18.58 -40.23
C LYS A 93 4.51 -17.37 -39.53
N GLY A 94 5.20 -17.62 -38.43
CA GLY A 94 5.70 -16.56 -37.59
C GLY A 94 4.74 -15.88 -36.64
N ILE A 95 3.48 -16.33 -36.60
CA ILE A 95 2.55 -15.94 -35.55
C ILE A 95 2.94 -16.56 -34.23
N TRP A 96 3.04 -15.78 -33.17
CA TRP A 96 3.32 -16.34 -31.86
C TRP A 96 2.07 -17.04 -31.26
N VAL A 97 2.30 -17.93 -30.29
CA VAL A 97 1.22 -18.61 -29.58
C VAL A 97 1.35 -18.40 -28.09
N VAL A 98 0.31 -17.86 -27.49
CA VAL A 98 0.24 -17.73 -26.06
C VAL A 98 -0.93 -18.60 -25.60
N CYS A 99 -0.66 -19.48 -24.64
CA CYS A 99 -1.51 -20.57 -24.31
C CYS A 99 -1.67 -20.67 -22.79
N ASP A 100 -2.90 -20.66 -22.26
CA ASP A 100 -3.14 -21.04 -20.86
C ASP A 100 -3.17 -22.55 -20.78
N ARG A 101 -2.24 -23.06 -20.02
CA ARG A 101 -2.13 -24.49 -19.73
C ARG A 101 -1.53 -25.25 -20.87
N TYR A 102 -0.70 -26.23 -20.50
CA TYR A 102 -0.20 -27.22 -21.38
C TYR A 102 0.02 -28.56 -20.68
N ALA A 103 0.92 -29.39 -21.20
CA ALA A 103 1.17 -30.72 -20.67
C ALA A 103 1.67 -30.77 -19.25
N TYR A 104 2.19 -29.64 -18.74
CA TYR A 104 2.67 -29.62 -17.39
C TYR A 104 1.46 -29.72 -16.48
N SER A 105 0.35 -29.14 -16.90
CA SER A 105 -0.95 -29.38 -16.26
C SER A 105 -1.27 -30.91 -16.16
N GLY A 106 -0.90 -31.68 -17.19
CA GLY A 106 -1.11 -33.13 -17.15
C GLY A 106 -0.49 -33.78 -15.93
N VAL A 107 0.75 -33.35 -15.61
CA VAL A 107 1.52 -33.98 -14.53
C VAL A 107 0.97 -33.51 -13.25
N ALA A 108 0.76 -32.21 -13.16
CA ALA A 108 0.38 -31.63 -11.88
C ALA A 108 -1.01 -32.09 -11.51
N TYR A 109 -1.92 -32.03 -12.44
CA TYR A 109 -3.26 -32.48 -12.14
C TYR A 109 -3.42 -34.01 -12.13
N SER A 110 -2.88 -34.69 -13.13
CA SER A 110 -3.22 -36.15 -13.16
C SER A 110 -2.41 -36.87 -12.09
N SER A 111 -1.15 -36.45 -11.96
CA SER A 111 -0.30 -37.02 -10.92
C SER A 111 -0.53 -36.50 -9.52
N GLY A 112 -0.88 -35.21 -9.35
CA GLY A 112 -1.15 -34.69 -8.01
C GLY A 112 -2.55 -34.94 -7.44
N ALA A 113 -3.58 -34.65 -8.22
CA ALA A 113 -4.93 -34.81 -7.73
C ALA A 113 -5.50 -36.23 -7.91
N LEU A 114 -5.10 -36.89 -8.99
CA LEU A 114 -5.67 -38.20 -9.32
C LEU A 114 -4.67 -39.29 -9.01
N ASN A 115 -3.55 -38.92 -8.40
CA ASN A 115 -2.52 -39.90 -8.04
C ASN A 115 -2.02 -40.87 -9.06
N LEU A 116 -2.03 -40.52 -10.34
CA LEU A 116 -1.46 -41.38 -11.34
C LEU A 116 0.05 -41.24 -11.33
N ASN A 117 0.74 -42.31 -11.71
CA ASN A 117 2.19 -42.35 -11.87
C ASN A 117 2.65 -41.22 -12.81
N LYS A 118 3.76 -40.56 -12.45
CA LYS A 118 4.22 -39.37 -13.17
C LYS A 118 4.66 -39.76 -14.55
N THR A 119 5.34 -40.91 -14.67
CA THR A 119 5.92 -41.26 -15.97
C THR A 119 4.82 -41.70 -16.95
N TRP A 120 3.86 -42.45 -16.41
CA TRP A 120 2.75 -42.91 -17.19
C TRP A 120 1.99 -41.69 -17.73
N CYS A 121 1.74 -40.67 -16.86
CA CYS A 121 1.14 -39.41 -17.32
C CYS A 121 1.96 -38.73 -18.43
N MET A 122 3.28 -38.73 -18.33
CA MET A 122 4.04 -37.92 -19.31
C MET A 122 4.07 -38.55 -20.68
N ASN A 123 3.99 -39.88 -20.70
CA ASN A 123 4.26 -40.65 -21.91
C ASN A 123 3.45 -40.18 -23.10
N PRO A 124 2.14 -40.02 -22.90
CA PRO A 124 1.36 -39.71 -24.10
C PRO A 124 1.59 -38.29 -24.64
N ASP A 125 2.00 -37.36 -23.76
CA ASP A 125 2.29 -36.00 -24.18
C ASP A 125 3.68 -35.89 -24.81
N GLN A 126 4.49 -36.93 -24.68
CA GLN A 126 5.79 -36.93 -25.30
C GLN A 126 5.60 -36.73 -26.79
N GLY A 127 6.36 -35.79 -27.41
CA GLY A 127 6.21 -35.45 -28.84
C GLY A 127 5.33 -34.22 -29.11
N LEU A 128 4.67 -33.72 -28.09
CA LEU A 128 4.00 -32.44 -28.28
C LEU A 128 5.10 -31.36 -28.48
N ILE A 129 4.76 -30.35 -29.28
CA ILE A 129 5.64 -29.19 -29.47
C ILE A 129 6.06 -28.59 -28.13
N LYS A 130 7.35 -28.32 -28.01
CA LYS A 130 7.88 -27.79 -26.75
C LYS A 130 7.81 -26.25 -26.77
N PRO A 131 7.35 -25.62 -25.68
CA PRO A 131 7.34 -24.18 -25.74
C PRO A 131 8.70 -23.51 -25.45
N ASP A 132 8.80 -22.24 -25.88
CA ASP A 132 10.02 -21.42 -25.68
C ASP A 132 10.18 -21.07 -24.25
N VAL A 133 9.06 -20.86 -23.56
CA VAL A 133 9.08 -20.53 -22.13
C VAL A 133 7.71 -20.84 -21.53
N VAL A 134 7.70 -21.23 -20.25
CA VAL A 134 6.51 -21.35 -19.42
C VAL A 134 6.64 -20.41 -18.26
N PHE A 135 5.69 -19.48 -18.14
CA PHE A 135 5.52 -18.68 -16.93
C PHE A 135 4.64 -19.33 -15.93
N TYR A 136 5.18 -19.58 -14.75
CA TYR A 136 4.39 -20.21 -13.74
C TYR A 136 3.92 -19.16 -12.78
N LEU A 137 2.61 -18.91 -12.81
CA LEU A 137 1.99 -18.00 -11.91
C LEU A 137 1.80 -18.66 -10.58
N ASN A 138 2.76 -18.42 -9.70
CA ASN A 138 2.88 -19.07 -8.41
C ASN A 138 2.03 -18.40 -7.34
N VAL A 139 1.04 -19.13 -6.82
CA VAL A 139 0.31 -18.73 -5.65
C VAL A 139 0.22 -19.90 -4.68
N PRO A 140 0.30 -19.62 -3.37
CA PRO A 140 0.12 -20.74 -2.45
C PRO A 140 -1.30 -21.34 -2.51
N PRO A 141 -1.42 -22.64 -2.17
CA PRO A 141 -2.62 -23.45 -2.30
C PRO A 141 -3.87 -22.81 -1.77
N ASN A 142 -3.81 -22.06 -0.68
CA ASN A 142 -5.05 -21.43 -0.15
C ASN A 142 -5.30 -20.00 -0.65
N TYR A 143 -4.39 -19.50 -1.48
CA TYR A 143 -4.46 -18.10 -1.85
C TYR A 143 -5.74 -17.67 -2.65
N ALA A 144 -6.16 -18.49 -3.61
CA ALA A 144 -7.15 -18.03 -4.57
C ALA A 144 -8.60 -18.37 -4.26
N GLN A 145 -8.85 -18.97 -3.10
CA GLN A 145 -10.21 -19.50 -2.73
C GLN A 145 -11.29 -18.45 -2.63
N ASN A 146 -10.91 -17.19 -2.80
CA ASN A 146 -11.85 -16.11 -2.64
C ASN A 146 -12.12 -15.38 -3.95
N ARG A 147 -11.41 -15.73 -5.01
CA ARG A 147 -11.63 -15.09 -6.31
C ARG A 147 -12.91 -15.58 -7.00
N SER A 148 -13.60 -14.70 -7.72
CA SER A 148 -14.81 -15.11 -8.45
C SER A 148 -15.00 -16.63 -8.67
N ASP A 149 -16.16 -17.14 -8.29
CA ASP A 149 -16.67 -18.46 -8.80
C ASP A 149 -15.89 -19.72 -8.33
N TYR A 150 -14.70 -19.54 -7.74
CA TYR A 150 -13.89 -20.64 -7.21
C TYR A 150 -14.72 -21.70 -6.49
N GLY A 151 -14.46 -22.96 -6.80
CA GLY A 151 -15.10 -24.11 -6.14
C GLY A 151 -16.17 -24.70 -7.02
N GLU A 152 -16.37 -24.06 -8.16
CA GLU A 152 -17.34 -24.44 -9.15
C GLU A 152 -16.95 -25.77 -9.84
N GLU A 153 -15.65 -25.96 -10.13
CA GLU A 153 -15.21 -27.16 -10.82
C GLU A 153 -14.43 -28.10 -9.93
N ILE A 154 -14.20 -29.32 -10.43
CA ILE A 154 -13.81 -30.47 -9.60
C ILE A 154 -12.54 -30.34 -8.78
N TYR A 155 -11.54 -29.64 -9.30
CA TYR A 155 -10.29 -29.61 -8.51
C TYR A 155 -10.15 -28.43 -7.52
N GLU A 156 -11.20 -27.63 -7.39
CA GLU A 156 -11.10 -26.35 -6.67
C GLU A 156 -11.53 -26.48 -5.22
N LYS A 157 -10.65 -27.18 -4.50
CA LYS A 157 -10.77 -27.40 -3.07
C LYS A 157 -9.32 -27.30 -2.66
N VAL A 158 -9.07 -26.65 -1.53
CA VAL A 158 -7.73 -26.27 -1.14
C VAL A 158 -6.86 -27.50 -0.98
N GLU A 159 -7.45 -28.57 -0.42
CA GLU A 159 -6.73 -29.83 -0.17
C GLU A 159 -6.23 -30.42 -1.47
N THR A 160 -7.02 -30.34 -2.52
CA THR A 160 -6.56 -30.75 -3.86
C THR A 160 -5.52 -29.75 -4.37
N GLN A 161 -5.77 -28.46 -4.18
CA GLN A 161 -4.81 -27.48 -4.68
C GLN A 161 -3.43 -27.68 -4.06
N LYS A 162 -3.38 -28.06 -2.79
CA LYS A 162 -2.14 -28.45 -2.10
C LYS A 162 -1.34 -29.49 -2.84
N LYS A 163 -1.96 -30.62 -3.18
CA LYS A 163 -1.24 -31.70 -3.88
C LYS A 163 -0.74 -31.23 -5.27
N ILE A 164 -1.59 -30.48 -5.97
CA ILE A 164 -1.29 -30.00 -7.30
C ILE A 164 -0.08 -29.08 -7.24
N TYR A 165 -0.14 -28.16 -6.27
CA TYR A 165 0.93 -27.24 -5.94
C TYR A 165 2.20 -27.99 -5.63
N GLU A 166 2.08 -29.03 -4.80
CA GLU A 166 3.28 -29.81 -4.56
C GLU A 166 3.78 -30.40 -5.86
N THR A 167 2.88 -30.92 -6.71
CA THR A 167 3.31 -31.68 -7.92
C THR A 167 3.89 -30.78 -9.03
N TYR A 168 3.44 -29.54 -9.08
CA TYR A 168 4.05 -28.57 -10.02
C TYR A 168 5.56 -28.45 -9.82
N LYS A 169 6.02 -28.72 -8.61
CA LYS A 169 7.45 -28.62 -8.26
C LYS A 169 8.34 -29.44 -9.12
N HIS A 170 7.76 -30.45 -9.78
CA HIS A 170 8.51 -31.33 -10.65
C HIS A 170 9.12 -30.60 -11.79
N PHE A 171 8.65 -29.38 -12.03
CA PHE A 171 9.27 -28.59 -13.11
C PHE A 171 9.99 -27.36 -12.57
N ALA A 172 10.02 -27.21 -11.24
CA ALA A 172 10.33 -25.94 -10.61
C ALA A 172 11.71 -25.47 -10.93
N HIS A 173 12.61 -26.40 -11.26
CA HIS A 173 14.04 -26.11 -11.46
C HIS A 173 14.44 -26.35 -12.89
N GLU A 174 13.49 -26.33 -13.82
CA GLU A 174 13.86 -26.55 -15.23
C GLU A 174 14.27 -25.25 -15.93
N ASP A 175 14.96 -25.34 -17.05
CA ASP A 175 15.45 -24.13 -17.71
C ASP A 175 14.36 -23.23 -18.24
N TYR A 176 13.39 -23.81 -18.94
CA TYR A 176 12.31 -23.08 -19.61
C TYR A 176 11.27 -22.53 -18.60
N TRP A 177 11.46 -22.79 -17.32
CA TRP A 177 10.43 -22.55 -16.35
C TRP A 177 10.75 -21.36 -15.46
N ILE A 178 9.85 -20.37 -15.49
CA ILE A 178 10.03 -19.13 -14.80
C ILE A 178 8.99 -18.91 -13.76
N ASN A 179 9.32 -19.16 -12.48
CA ASN A 179 8.47 -18.80 -11.35
C ASN A 179 8.19 -17.28 -11.34
N ILE A 180 6.91 -16.90 -11.27
CA ILE A 180 6.48 -15.50 -11.14
C ILE A 180 5.58 -15.44 -9.89
N ASP A 181 5.87 -14.54 -8.95
CA ASP A 181 5.03 -14.42 -7.74
C ASP A 181 3.72 -13.83 -8.17
N ALA A 182 2.66 -14.61 -8.13
CA ALA A 182 1.38 -14.09 -8.59
C ALA A 182 0.50 -13.63 -7.45
N THR A 183 1.11 -13.38 -6.31
CA THR A 183 0.33 -12.77 -5.22
C THR A 183 0.41 -11.24 -5.24
N ARG A 184 0.73 -10.65 -6.38
CA ARG A 184 0.86 -9.19 -6.50
C ARG A 184 -0.21 -8.55 -7.33
N LYS A 185 -0.06 -7.25 -7.59
CA LYS A 185 -0.99 -6.54 -8.43
C LYS A 185 -0.82 -7.04 -9.83
N ILE A 186 -1.94 -7.12 -10.53
CA ILE A 186 -2.00 -7.46 -11.95
C ILE A 186 -0.86 -6.79 -12.75
N GLU A 187 -0.70 -5.47 -12.57
CA GLU A 187 0.31 -4.69 -13.33
C GLU A 187 1.72 -5.13 -12.97
N ASP A 188 1.97 -5.39 -11.69
CA ASP A 188 3.29 -5.88 -11.32
C ASP A 188 3.64 -7.23 -11.97
N ILE A 189 2.68 -8.20 -11.89
CA ILE A 189 2.86 -9.49 -12.53
C ILE A 189 3.11 -9.21 -14.00
N HIS A 190 2.27 -8.41 -14.62
CA HIS A 190 2.44 -8.16 -16.04
C HIS A 190 3.82 -7.62 -16.49
N ASN A 191 4.37 -6.64 -15.75
CA ASN A 191 5.67 -6.06 -16.11
C ASN A 191 6.80 -7.10 -15.99
N ASP A 192 6.79 -7.92 -14.95
CA ASP A 192 7.78 -8.99 -14.85
C ASP A 192 7.70 -9.88 -16.10
N ILE A 193 6.48 -10.22 -16.52
CA ILE A 193 6.34 -11.06 -17.68
C ILE A 193 6.86 -10.34 -18.91
N VAL A 194 6.38 -9.12 -19.14
CA VAL A 194 6.86 -8.40 -20.31
C VAL A 194 8.40 -8.32 -20.26
N LYS A 195 8.98 -8.10 -19.08
CA LYS A 195 10.42 -7.95 -18.99
C LYS A 195 11.08 -9.26 -19.39
N GLU A 196 10.54 -10.37 -18.94
CA GLU A 196 11.15 -11.63 -19.29
C GLU A 196 10.92 -12.00 -20.76
N VAL A 197 9.82 -11.53 -21.31
CA VAL A 197 9.56 -11.76 -22.71
C VAL A 197 10.53 -10.97 -23.57
N THR A 198 10.85 -9.73 -23.21
CA THR A 198 11.77 -8.93 -24.02
C THR A 198 13.18 -9.55 -24.16
N LYS A 199 13.61 -10.30 -23.16
CA LYS A 199 14.87 -11.03 -23.24
C LYS A 199 14.79 -12.27 -24.12
N ILE A 200 13.89 -12.27 -25.11
CA ILE A 200 13.78 -13.45 -26.00
C ILE A 200 14.35 -13.14 -27.39
N LYS A 201 15.29 -14.02 -27.78
CA LYS A 201 15.80 -14.18 -29.13
C LYS A 201 14.72 -14.41 -30.21
N VAL A 202 14.75 -13.57 -31.23
CA VAL A 202 13.72 -13.47 -32.27
C VAL A 202 13.89 -14.37 -33.53
N GLU A 203 14.99 -15.12 -33.59
CA GLU A 203 15.43 -15.85 -34.82
C GLU A 203 14.70 -17.16 -35.09
N PRO A 204 14.30 -17.40 -36.36
CA PRO A 204 13.79 -18.72 -36.79
C PRO A 204 14.72 -19.87 -36.36
N GLU A 205 14.17 -20.93 -35.76
CA GLU A 205 14.95 -22.09 -35.31
C GLU A 205 14.20 -23.38 -35.65
N GLU A 206 14.76 -24.53 -35.24
CA GLU A 206 14.09 -25.82 -35.40
C GLU A 206 13.05 -26.00 -34.28
N PHE A 207 12.00 -26.77 -34.54
CA PHE A 207 11.09 -27.18 -33.46
C PHE A 207 11.74 -28.12 -32.47
N ASN A 208 11.38 -27.97 -31.20
CA ASN A 208 11.67 -28.98 -30.20
C ASN A 208 10.35 -29.60 -29.71
N PHE A 209 10.51 -30.75 -29.03
CA PHE A 209 9.42 -31.63 -28.71
C PHE A 209 9.59 -32.10 -27.33
N LEU A 210 8.46 -32.23 -26.65
CA LEU A 210 8.41 -32.75 -25.29
C LEU A 210 8.83 -34.22 -25.26
N TRP A 211 9.56 -34.70 -24.25
CA TRP A 211 10.03 -33.96 -23.11
C TRP A 211 11.55 -33.66 -23.17
N SER A 212 12.05 -33.30 -24.34
CA SER A 212 13.43 -32.87 -24.43
C SER A 212 13.66 -31.50 -23.74
N MET B 3 -1.60 -12.51 31.78
CA MET B 3 -0.42 -12.55 32.69
C MET B 3 0.87 -12.24 31.93
N THR B 4 1.21 -13.16 31.02
CA THR B 4 2.27 -12.99 30.01
C THR B 4 1.65 -13.31 28.64
N ASP B 5 0.42 -12.83 28.40
CA ASP B 5 -0.25 -13.07 27.12
C ASP B 5 -0.29 -11.84 26.19
N ASP B 6 0.32 -11.98 25.02
CA ASP B 6 0.28 -10.93 24.00
C ASP B 6 -0.42 -11.45 22.73
N LYS B 7 -1.33 -12.39 22.87
CA LYS B 7 -1.93 -13.02 21.70
C LYS B 7 -3.33 -12.52 21.38
N LYS B 8 -3.58 -12.40 20.09
CA LYS B 8 -4.85 -11.96 19.55
C LYS B 8 -5.87 -13.03 19.69
N LYS B 9 -7.02 -12.68 20.24
CA LYS B 9 -7.99 -13.69 20.53
C LYS B 9 -9.30 -13.46 19.81
N GLY B 10 -9.65 -12.23 19.51
CA GLY B 10 -10.85 -12.04 18.73
C GLY B 10 -10.48 -11.92 17.28
N LYS B 11 -11.50 -11.75 16.44
CA LYS B 11 -11.31 -11.52 15.03
C LYS B 11 -11.57 -10.07 14.70
N PHE B 12 -10.81 -9.56 13.71
CA PHE B 12 -10.86 -8.18 13.24
C PHE B 12 -11.30 -8.09 11.76
N ILE B 13 -12.49 -7.56 11.55
CA ILE B 13 -13.14 -7.51 10.26
C ILE B 13 -13.38 -6.05 9.79
N VAL B 14 -12.90 -5.72 8.60
CA VAL B 14 -13.13 -4.39 8.03
C VAL B 14 -14.14 -4.44 6.84
N PHE B 15 -15.04 -3.48 6.79
CA PHE B 15 -15.78 -3.21 5.57
C PHE B 15 -15.21 -2.03 4.79
N GLU B 16 -14.94 -2.22 3.50
CA GLU B 16 -14.53 -1.10 2.63
C GLU B 16 -15.47 -0.91 1.45
N GLY B 17 -15.39 0.20 0.72
CA GLY B 17 -16.33 0.48 -0.34
C GLY B 17 -16.62 1.94 -0.54
N LEU B 18 -17.19 2.29 -1.70
CA LEU B 18 -17.50 3.69 -2.06
C LEU B 18 -18.47 4.30 -1.06
N ASP B 19 -18.63 5.62 -1.11
CA ASP B 19 -19.66 6.27 -0.30
C ASP B 19 -21.00 5.63 -0.68
N ARG B 20 -21.82 5.32 0.34
CA ARG B 20 -23.15 4.72 0.15
C ARG B 20 -23.12 3.31 -0.44
N SER B 21 -21.98 2.62 -0.43
CA SER B 21 -21.93 1.23 -0.90
C SER B 21 -22.64 0.21 0.03
N GLY B 22 -22.95 0.62 1.26
CA GLY B 22 -23.70 -0.25 2.14
C GLY B 22 -22.97 -0.68 3.39
N LYS B 23 -21.91 0.03 3.76
CA LYS B 23 -21.02 -0.41 4.79
C LYS B 23 -21.72 -0.43 6.14
N SER B 24 -22.49 0.61 6.45
CA SER B 24 -23.18 0.69 7.72
C SER B 24 -24.25 -0.39 7.84
N THR B 25 -25.02 -0.54 6.78
CA THR B 25 -26.08 -1.49 6.72
C THR B 25 -25.54 -2.89 7.00
N GLN B 26 -24.46 -3.26 6.30
CA GLN B 26 -23.95 -4.62 6.39
C GLN B 26 -23.25 -4.94 7.69
N SER B 27 -22.50 -3.95 8.19
CA SER B 27 -21.79 -4.09 9.45
C SER B 27 -22.75 -4.07 10.63
N LYS B 28 -23.82 -3.30 10.59
CA LYS B 28 -24.82 -3.39 11.67
C LYS B 28 -25.46 -4.79 11.73
N LEU B 29 -25.73 -5.35 10.55
CA LEU B 29 -26.33 -6.66 10.46
C LEU B 29 -25.34 -7.73 10.93
N LEU B 30 -24.10 -7.65 10.46
CA LEU B 30 -23.11 -8.58 10.96
C LEU B 30 -22.95 -8.49 12.46
N VAL B 31 -22.94 -7.29 13.04
CA VAL B 31 -22.76 -7.11 14.50
C VAL B 31 -23.98 -7.74 15.18
N GLU B 32 -25.17 -7.47 14.62
CA GLU B 32 -26.43 -7.96 15.15
C GLU B 32 -26.51 -9.48 15.10
N TYR B 33 -25.89 -10.06 14.07
CA TYR B 33 -25.82 -11.49 13.89
C TYR B 33 -24.90 -12.12 14.91
N LEU B 34 -23.68 -11.59 15.00
CA LEU B 34 -22.71 -12.08 15.97
C LEU B 34 -23.21 -12.07 17.42
N LYS B 35 -23.92 -11.02 17.79
CA LYS B 35 -24.45 -10.90 19.15
C LYS B 35 -25.45 -12.03 19.46
N ASN B 36 -26.31 -12.31 18.49
CA ASN B 36 -27.25 -13.37 18.57
C ASN B 36 -26.55 -14.71 18.60
N ASN B 37 -25.30 -14.80 18.17
CA ASN B 37 -24.63 -16.09 18.20
C ASN B 37 -23.56 -16.22 19.28
N ASN B 38 -23.78 -15.52 20.40
CA ASN B 38 -22.85 -15.52 21.52
C ASN B 38 -21.41 -15.21 21.16
N VAL B 39 -21.25 -14.17 20.34
CA VAL B 39 -19.89 -13.70 20.02
C VAL B 39 -19.86 -12.28 20.50
N GLU B 40 -19.02 -11.99 21.47
CA GLU B 40 -18.88 -10.60 21.93
C GLU B 40 -18.15 -9.75 20.84
N VAL B 41 -18.66 -8.56 20.55
CA VAL B 41 -18.20 -7.79 19.38
C VAL B 41 -18.42 -6.31 19.58
N LYS B 42 -17.48 -5.48 19.16
CA LYS B 42 -17.72 -4.04 19.21
C LYS B 42 -17.73 -3.45 17.81
N HIS B 43 -18.61 -2.50 17.59
CA HIS B 43 -18.71 -1.84 16.31
C HIS B 43 -17.93 -0.52 16.29
N LEU B 44 -16.87 -0.46 15.50
CA LEU B 44 -16.16 0.82 15.29
C LEU B 44 -16.34 1.35 13.88
N TYR B 45 -15.86 2.56 13.68
CA TYR B 45 -15.86 3.18 12.34
C TYR B 45 -14.85 4.31 12.19
N PHE B 46 -14.49 4.56 10.93
CA PHE B 46 -13.56 5.60 10.59
C PHE B 46 -14.12 6.41 9.44
N PRO B 47 -14.04 7.74 9.54
CA PRO B 47 -13.40 8.40 10.66
C PRO B 47 -14.30 8.49 11.88
N ASN B 48 -13.70 8.32 13.04
CA ASN B 48 -14.33 8.75 14.26
C ASN B 48 -14.35 10.29 14.46
N ARG B 49 -15.49 10.88 14.21
CA ARG B 49 -15.64 12.32 14.14
C ARG B 49 -15.78 13.01 15.50
N GLU B 50 -15.68 12.25 16.59
CA GLU B 50 -15.91 12.73 17.95
C GLU B 50 -14.61 13.02 18.67
N THR B 51 -13.46 12.59 18.13
CA THR B 51 -12.20 12.99 18.79
C THR B 51 -11.75 14.44 18.46
N GLY B 52 -10.67 14.90 19.11
CA GLY B 52 -10.08 16.19 18.77
C GLY B 52 -9.79 16.30 17.27
N ILE B 53 -9.02 15.35 16.78
CA ILE B 53 -8.74 15.17 15.36
C ILE B 53 -9.98 14.88 14.54
N GLY B 54 -10.88 14.03 15.03
CA GLY B 54 -12.07 13.75 14.25
C GLY B 54 -12.95 14.95 14.01
N GLN B 55 -12.95 15.85 14.99
CA GLN B 55 -13.75 17.07 14.86
C GLN B 55 -13.26 17.87 13.66
N ILE B 56 -11.95 17.91 13.48
CA ILE B 56 -11.38 18.63 12.33
C ILE B 56 -11.77 17.88 11.04
N ILE B 57 -11.59 16.57 11.04
CA ILE B 57 -11.88 15.82 9.83
C ILE B 57 -13.28 16.05 9.45
N SER B 58 -14.16 16.02 10.42
CA SER B 58 -15.59 16.15 10.13
C SER B 58 -15.89 17.48 9.40
N LYS B 59 -15.31 18.58 9.89
CA LYS B 59 -15.50 19.91 9.26
C LYS B 59 -14.99 19.92 7.80
N TYR B 60 -13.89 19.22 7.58
CA TYR B 60 -13.32 19.15 6.25
C TYR B 60 -14.29 18.44 5.32
N LEU B 61 -14.82 17.31 5.79
CA LEU B 61 -15.75 16.50 4.99
C LEU B 61 -17.03 17.29 4.71
N LYS B 62 -17.44 18.05 5.72
CA LYS B 62 -18.65 18.85 5.60
C LYS B 62 -18.39 20.14 4.80
N MET B 63 -17.12 20.46 4.56
CA MET B 63 -16.72 21.64 3.74
C MET B 63 -16.79 22.94 4.50
N GLU B 64 -16.67 22.80 5.82
CA GLU B 64 -16.63 23.92 6.77
C GLU B 64 -15.23 24.45 7.06
N ASN B 65 -14.21 23.67 6.69
CA ASN B 65 -12.86 24.17 6.56
C ASN B 65 -12.24 23.62 5.27
N SER B 66 -11.02 24.06 4.98
CA SER B 66 -10.15 23.41 4.05
C SER B 66 -8.78 23.26 4.64
N MET B 67 -8.01 22.38 4.02
CA MET B 67 -6.66 22.11 4.40
C MET B 67 -5.97 21.58 3.13
N SER B 68 -4.66 21.45 3.16
CA SER B 68 -3.99 20.88 1.99
C SER B 68 -4.16 19.34 2.01
N ASN B 69 -4.01 18.71 0.85
CA ASN B 69 -4.11 17.28 0.68
C ASN B 69 -3.29 16.50 1.70
N GLU B 70 -2.04 16.87 1.90
CA GLU B 70 -1.18 16.15 2.83
C GLU B 70 -1.72 16.27 4.26
N THR B 71 -2.13 17.47 4.64
CA THR B 71 -2.60 17.69 5.98
C THR B 71 -3.80 16.77 6.24
N ILE B 72 -4.79 16.87 5.38
CA ILE B 72 -5.96 16.04 5.62
C ILE B 72 -5.67 14.50 5.69
N HIS B 73 -4.79 14.02 4.82
CA HIS B 73 -4.51 12.61 4.78
C HIS B 73 -3.88 12.15 6.08
N LEU B 74 -2.94 12.93 6.61
CA LEU B 74 -2.27 12.65 7.85
C LEU B 74 -3.23 12.69 9.05
N LEU B 75 -4.23 13.56 9.03
CA LEU B 75 -5.20 13.56 10.09
C LEU B 75 -6.02 12.24 10.10
N PHE B 76 -6.48 11.81 8.92
CA PHE B 76 -7.28 10.60 8.82
C PHE B 76 -6.45 9.45 9.43
N SER B 77 -5.18 9.47 9.08
CA SER B 77 -4.27 8.46 9.55
C SER B 77 -4.01 8.57 11.06
N ALA B 78 -3.74 9.78 11.58
CA ALA B 78 -3.57 9.93 13.01
C ALA B 78 -4.85 9.48 13.75
N ASN B 79 -6.01 9.75 13.14
CA ASN B 79 -7.33 9.34 13.67
C ASN B 79 -7.41 7.81 13.80
N ARG B 80 -6.74 7.09 12.91
CA ARG B 80 -6.81 5.63 12.96
C ARG B 80 -5.84 5.18 14.08
N TRP B 81 -4.66 5.77 14.13
CA TRP B 81 -3.71 5.46 15.16
C TRP B 81 -4.22 5.80 16.56
N GLU B 82 -5.10 6.76 16.71
CA GLU B 82 -5.55 7.03 18.04
C GLU B 82 -6.50 5.95 18.63
N HIS B 83 -6.82 4.93 17.80
CA HIS B 83 -7.70 3.82 18.18
C HIS B 83 -7.02 2.48 18.33
N MET B 84 -5.72 2.42 18.00
CA MET B 84 -4.96 1.18 18.08
C MET B 84 -4.98 0.57 19.46
N ASN B 85 -4.93 1.45 20.45
CA ASN B 85 -4.85 0.92 21.79
C ASN B 85 -6.18 0.33 22.16
N GLU B 86 -7.27 0.98 21.81
CA GLU B 86 -8.60 0.42 22.02
C GLU B 86 -8.81 -0.87 21.23
N ILE B 87 -8.45 -0.88 19.94
CA ILE B 87 -8.57 -2.11 19.16
C ILE B 87 -7.73 -3.28 19.70
N LYS B 88 -6.47 -3.01 20.01
CA LYS B 88 -5.64 -4.02 20.65
C LYS B 88 -6.28 -4.63 21.90
N SER B 89 -6.66 -3.80 22.87
CA SER B 89 -7.39 -4.31 24.06
C SER B 89 -8.57 -5.19 23.72
N LEU B 90 -9.41 -4.74 22.78
CA LEU B 90 -10.59 -5.49 22.52
C LEU B 90 -10.19 -6.89 22.08
N LEU B 91 -9.25 -6.96 21.15
CA LEU B 91 -8.84 -8.23 20.55
C LEU B 91 -8.09 -9.13 21.60
N LEU B 92 -7.28 -8.50 22.47
CA LEU B 92 -6.55 -9.25 23.47
C LEU B 92 -7.50 -9.95 24.42
N LYS B 93 -8.65 -9.33 24.67
CA LYS B 93 -9.67 -9.84 25.56
C LYS B 93 -10.62 -10.84 24.85
N GLY B 94 -10.50 -10.98 23.53
CA GLY B 94 -11.25 -11.99 22.77
C GLY B 94 -12.54 -11.41 22.22
N ILE B 95 -12.69 -10.10 22.37
CA ILE B 95 -13.85 -9.39 21.81
C ILE B 95 -13.57 -9.14 20.34
N TRP B 96 -14.52 -9.41 19.47
CA TRP B 96 -14.25 -9.16 18.08
C TRP B 96 -14.49 -7.69 17.76
N VAL B 97 -13.76 -7.20 16.76
CA VAL B 97 -13.95 -5.86 16.24
C VAL B 97 -14.48 -5.85 14.80
N VAL B 98 -15.61 -5.16 14.60
CA VAL B 98 -16.14 -4.90 13.27
C VAL B 98 -16.03 -3.43 12.96
N CYS B 99 -15.34 -3.13 11.86
CA CYS B 99 -14.97 -1.78 11.54
C CYS B 99 -15.43 -1.32 10.14
N ASP B 100 -16.14 -0.22 10.11
CA ASP B 100 -16.59 0.42 8.90
C ASP B 100 -15.46 1.40 8.48
N ARG B 101 -14.70 0.99 7.47
CA ARG B 101 -13.55 1.71 6.91
C ARG B 101 -12.27 1.51 7.66
N TYR B 102 -11.14 1.61 6.94
CA TYR B 102 -9.79 1.54 7.55
C TYR B 102 -8.68 2.19 6.69
N ALA B 103 -7.45 1.71 6.81
CA ALA B 103 -6.36 2.32 6.03
C ALA B 103 -6.55 2.19 4.52
N TYR B 104 -7.39 1.27 4.07
CA TYR B 104 -7.59 1.09 2.61
C TYR B 104 -8.29 2.33 2.03
N SER B 105 -9.30 2.85 2.72
CA SER B 105 -9.86 4.19 2.42
C SER B 105 -8.76 5.24 2.34
N GLY B 106 -7.75 5.11 3.18
CA GLY B 106 -6.62 5.99 3.19
C GLY B 106 -6.08 6.07 1.79
N VAL B 107 -5.73 4.92 1.20
CA VAL B 107 -5.14 4.98 -0.13
C VAL B 107 -6.14 5.38 -1.22
N ALA B 108 -7.33 4.80 -1.19
CA ALA B 108 -8.26 4.94 -2.26
C ALA B 108 -8.76 6.39 -2.36
N TYR B 109 -9.03 7.03 -1.23
CA TYR B 109 -9.43 8.44 -1.21
C TYR B 109 -8.29 9.41 -1.36
N SER B 110 -7.23 9.33 -0.56
CA SER B 110 -6.19 10.36 -0.68
C SER B 110 -5.44 10.27 -2.00
N SER B 111 -5.29 9.04 -2.49
CA SER B 111 -4.58 8.83 -3.74
C SER B 111 -5.53 9.02 -4.89
N GLY B 112 -6.75 8.52 -4.76
CA GLY B 112 -7.70 8.58 -5.85
C GLY B 112 -8.39 9.91 -5.99
N ALA B 113 -8.74 10.54 -4.90
CA ALA B 113 -9.40 11.81 -4.99
C ALA B 113 -8.40 12.95 -4.92
N LEU B 114 -7.36 12.86 -4.09
CA LEU B 114 -6.49 14.03 -3.90
C LEU B 114 -5.19 13.93 -4.71
N ASN B 115 -5.07 12.86 -5.49
CA ASN B 115 -3.90 12.59 -6.33
C ASN B 115 -2.62 12.53 -5.59
N LEU B 116 -2.66 12.05 -4.36
CA LEU B 116 -1.43 11.91 -3.63
C LEU B 116 -0.74 10.62 -4.07
N ASN B 117 0.58 10.59 -3.95
CA ASN B 117 1.36 9.40 -4.28
C ASN B 117 0.94 8.25 -3.37
N LYS B 118 0.66 7.08 -3.93
CA LYS B 118 0.21 5.89 -3.14
C LYS B 118 1.11 5.50 -1.96
N THR B 119 2.38 5.36 -2.23
CA THR B 119 3.33 4.92 -1.24
C THR B 119 3.42 5.93 -0.13
N TRP B 120 3.48 7.20 -0.53
CA TRP B 120 3.41 8.27 0.43
C TRP B 120 2.15 8.14 1.34
N CYS B 121 1.00 7.76 0.77
CA CYS B 121 -0.26 7.64 1.49
C CYS B 121 -0.23 6.47 2.47
N MET B 122 0.45 5.39 2.05
CA MET B 122 0.51 4.17 2.82
C MET B 122 1.45 4.29 4.03
N ASN B 123 2.52 5.06 3.88
CA ASN B 123 3.59 5.08 4.87
C ASN B 123 3.12 5.35 6.28
N PRO B 124 2.32 6.42 6.48
CA PRO B 124 1.95 6.64 7.86
C PRO B 124 1.11 5.49 8.40
N ASP B 125 0.41 4.75 7.55
CA ASP B 125 -0.50 3.76 8.09
C ASP B 125 0.19 2.45 8.35
N GLN B 126 1.46 2.39 7.98
CA GLN B 126 2.20 1.18 8.23
C GLN B 126 2.32 0.97 9.75
N GLY B 127 2.05 -0.26 10.17
CA GLY B 127 2.13 -0.63 11.56
C GLY B 127 0.81 -0.60 12.28
N LEU B 128 -0.26 -0.12 11.63
CA LEU B 128 -1.60 -0.27 12.19
C LEU B 128 -1.84 -1.75 12.33
N ILE B 129 -2.77 -2.17 13.20
CA ILE B 129 -3.10 -3.59 13.26
C ILE B 129 -3.78 -4.02 11.93
N LYS B 130 -3.40 -5.19 11.46
CA LYS B 130 -3.92 -5.74 10.24
C LYS B 130 -5.13 -6.64 10.49
N PRO B 131 -6.25 -6.40 9.77
CA PRO B 131 -7.43 -7.20 9.98
C PRO B 131 -7.33 -8.60 9.38
N ASP B 132 -8.26 -9.47 9.78
CA ASP B 132 -8.33 -10.83 9.25
C ASP B 132 -9.04 -10.88 7.92
N VAL B 133 -10.00 -9.99 7.70
CA VAL B 133 -10.64 -9.97 6.42
C VAL B 133 -11.08 -8.55 6.12
N VAL B 134 -11.04 -8.15 4.87
CA VAL B 134 -11.78 -6.95 4.44
C VAL B 134 -12.91 -7.38 3.53
N PHE B 135 -14.15 -7.00 3.83
CA PHE B 135 -15.24 -7.17 2.88
C PHE B 135 -15.35 -5.90 2.05
N TYR B 136 -14.94 -5.99 0.80
CA TYR B 136 -15.10 -4.89 -0.13
C TYR B 136 -16.48 -4.91 -0.77
N LEU B 137 -17.26 -3.88 -0.48
CA LEU B 137 -18.60 -3.85 -1.03
C LEU B 137 -18.55 -3.18 -2.41
N ASN B 138 -18.60 -4.00 -3.46
CA ASN B 138 -18.42 -3.47 -4.79
C ASN B 138 -19.69 -2.91 -5.41
N VAL B 139 -19.87 -1.60 -5.39
CA VAL B 139 -20.88 -0.97 -6.26
C VAL B 139 -20.21 -0.11 -7.36
N PRO B 140 -20.72 -0.17 -8.60
CA PRO B 140 -20.23 0.78 -9.61
C PRO B 140 -20.44 2.24 -9.15
N PRO B 141 -19.51 3.17 -9.46
CA PRO B 141 -19.75 4.60 -9.10
C PRO B 141 -21.14 5.16 -9.53
N ASN B 142 -21.51 4.99 -10.80
CA ASN B 142 -22.80 5.55 -11.26
C ASN B 142 -24.00 5.03 -10.43
N TYR B 143 -23.78 3.96 -9.70
CA TYR B 143 -24.85 3.23 -9.09
C TYR B 143 -25.15 3.75 -7.67
N ALA B 144 -24.10 4.21 -7.02
CA ALA B 144 -24.18 4.70 -5.67
C ALA B 144 -24.83 6.08 -5.68
N GLN B 145 -24.54 6.81 -6.75
CA GLN B 145 -25.16 8.09 -7.11
C GLN B 145 -26.59 8.28 -6.63
N ASN B 146 -27.43 7.28 -6.89
CA ASN B 146 -28.88 7.41 -6.72
C ASN B 146 -29.43 7.34 -5.26
N ARG B 147 -28.71 6.60 -4.40
CA ARG B 147 -29.01 6.43 -2.96
C ARG B 147 -29.17 7.76 -2.23
N SER B 148 -29.56 7.73 -0.95
CA SER B 148 -30.28 8.88 -0.34
C SER B 148 -29.59 10.26 -0.26
N ASP B 149 -29.07 10.62 0.92
CA ASP B 149 -28.48 11.93 1.17
C ASP B 149 -27.22 12.19 0.35
N TYR B 150 -27.07 11.44 -0.75
CA TYR B 150 -25.86 11.50 -1.60
C TYR B 150 -25.59 12.90 -2.17
N GLY B 151 -24.33 13.33 -2.05
CA GLY B 151 -23.87 14.64 -2.54
C GLY B 151 -23.52 15.65 -1.45
N GLU B 152 -23.84 15.33 -0.19
CA GLU B 152 -23.66 16.29 0.90
C GLU B 152 -22.21 16.50 1.36
N GLU B 153 -21.38 15.45 1.31
CA GLU B 153 -19.97 15.54 1.76
C GLU B 153 -18.97 15.51 0.62
N ILE B 154 -17.78 16.05 0.88
CA ILE B 154 -16.86 16.49 -0.17
C ILE B 154 -16.65 15.58 -1.39
N TYR B 155 -16.56 14.28 -1.15
CA TYR B 155 -16.14 13.34 -2.17
C TYR B 155 -17.28 12.82 -3.02
N GLU B 156 -18.51 13.04 -2.58
CA GLU B 156 -19.65 12.41 -3.25
C GLU B 156 -20.07 13.14 -4.54
N LYS B 157 -19.17 13.13 -5.52
CA LYS B 157 -19.42 13.53 -6.89
C LYS B 157 -19.04 12.31 -7.73
N VAL B 158 -19.76 12.09 -8.81
CA VAL B 158 -19.52 10.88 -9.62
C VAL B 158 -18.13 10.73 -10.21
N GLU B 159 -17.60 11.81 -10.80
CA GLU B 159 -16.28 11.82 -11.37
C GLU B 159 -15.18 11.39 -10.35
N THR B 160 -15.44 11.66 -9.08
CA THR B 160 -14.45 11.54 -8.03
C THR B 160 -14.53 10.08 -7.59
N GLN B 161 -15.76 9.61 -7.34
CA GLN B 161 -15.99 8.20 -7.04
C GLN B 161 -15.38 7.23 -8.07
N LYS B 162 -15.40 7.64 -9.34
CA LYS B 162 -14.76 6.88 -10.41
C LYS B 162 -13.28 6.65 -10.16
N LYS B 163 -12.57 7.71 -9.78
CA LYS B 163 -11.13 7.57 -9.62
C LYS B 163 -10.85 6.80 -8.33
N ILE B 164 -11.75 6.94 -7.35
CA ILE B 164 -11.60 6.23 -6.09
C ILE B 164 -11.84 4.73 -6.31
N TYR B 165 -12.83 4.42 -7.16
CA TYR B 165 -13.20 3.09 -7.56
C TYR B 165 -12.04 2.34 -8.19
N GLU B 166 -11.30 3.04 -9.06
CA GLU B 166 -10.16 2.44 -9.70
C GLU B 166 -9.08 2.22 -8.70
N THR B 167 -8.84 3.19 -7.82
CA THR B 167 -7.73 3.07 -6.91
C THR B 167 -7.94 1.91 -5.95
N TYR B 168 -9.19 1.66 -5.58
CA TYR B 168 -9.46 0.53 -4.70
C TYR B 168 -8.96 -0.83 -5.19
N LYS B 169 -8.67 -0.96 -6.49
CA LYS B 169 -8.20 -2.18 -7.11
C LYS B 169 -6.76 -2.51 -6.76
N HIS B 170 -6.04 -1.52 -6.29
CA HIS B 170 -4.70 -1.80 -5.79
CA HIS B 170 -4.70 -1.67 -5.68
C HIS B 170 -4.74 -2.71 -4.54
N PHE B 171 -5.92 -3.05 -4.05
CA PHE B 171 -5.95 -4.04 -2.99
C PHE B 171 -6.56 -5.40 -3.35
N ALA B 172 -7.08 -5.50 -4.58
CA ALA B 172 -7.68 -6.75 -5.04
C ALA B 172 -6.84 -8.03 -4.86
N HIS B 173 -5.53 -7.95 -5.04
CA HIS B 173 -4.61 -9.09 -4.82
C HIS B 173 -4.37 -9.49 -3.37
N GLU B 174 -4.85 -8.73 -2.40
CA GLU B 174 -4.60 -9.13 -1.04
C GLU B 174 -5.33 -10.46 -0.73
N ASP B 175 -4.69 -11.34 0.03
CA ASP B 175 -5.24 -12.64 0.22
C ASP B 175 -6.43 -12.57 1.17
N TYR B 176 -6.60 -11.43 1.79
CA TYR B 176 -7.66 -11.29 2.79
C TYR B 176 -8.74 -10.36 2.35
N TRP B 177 -8.61 -9.91 1.10
CA TRP B 177 -9.53 -8.98 0.50
C TRP B 177 -10.60 -9.81 -0.15
N ILE B 178 -11.85 -9.60 0.25
CA ILE B 178 -12.94 -10.31 -0.38
C ILE B 178 -13.93 -9.41 -1.08
N ASN B 179 -13.96 -9.50 -2.41
CA ASN B 179 -14.90 -8.74 -3.21
C ASN B 179 -16.34 -9.24 -3.08
N ILE B 180 -17.28 -8.39 -2.64
CA ILE B 180 -18.67 -8.75 -2.57
C ILE B 180 -19.41 -7.90 -3.62
N ASP B 181 -20.35 -8.51 -4.36
CA ASP B 181 -21.16 -7.77 -5.28
C ASP B 181 -22.20 -7.04 -4.49
N ALA B 182 -22.10 -5.74 -4.43
CA ALA B 182 -23.02 -5.01 -3.54
C ALA B 182 -24.22 -4.39 -4.23
N THR B 183 -24.46 -4.81 -5.45
CA THR B 183 -25.67 -4.32 -6.17
C THR B 183 -26.88 -5.21 -5.89
N ARG B 184 -26.70 -6.19 -5.01
CA ARG B 184 -27.77 -7.09 -4.67
C ARG B 184 -28.55 -6.56 -3.46
N LYS B 185 -29.69 -7.22 -3.17
CA LYS B 185 -30.48 -6.93 -1.98
C LYS B 185 -29.68 -7.27 -0.75
N ILE B 186 -29.88 -6.41 0.25
CA ILE B 186 -29.25 -6.42 1.54
C ILE B 186 -29.09 -7.83 2.16
N GLU B 187 -30.15 -8.63 2.05
CA GLU B 187 -30.25 -9.91 2.74
C GLU B 187 -29.33 -10.91 2.10
N ASP B 188 -29.16 -10.78 0.80
CA ASP B 188 -28.34 -11.70 0.03
C ASP B 188 -26.85 -11.53 0.26
N ILE B 189 -26.43 -10.26 0.25
CA ILE B 189 -25.08 -9.82 0.58
C ILE B 189 -24.74 -10.29 2.00
N HIS B 190 -25.68 -10.10 2.91
CA HIS B 190 -25.48 -10.44 4.31
C HIS B 190 -25.23 -11.91 4.52
N ASN B 191 -25.96 -12.76 3.78
CA ASN B 191 -25.76 -14.20 3.83
C ASN B 191 -24.37 -14.59 3.43
N ASP B 192 -23.90 -14.15 2.27
CA ASP B 192 -22.52 -14.51 1.86
C ASP B 192 -21.54 -14.04 2.91
N ILE B 193 -21.77 -12.82 3.40
CA ILE B 193 -20.89 -12.25 4.40
C ILE B 193 -20.86 -13.21 5.56
N VAL B 194 -22.05 -13.60 6.05
CA VAL B 194 -22.17 -14.54 7.14
C VAL B 194 -21.50 -15.87 6.85
N LYS B 195 -21.60 -16.35 5.61
CA LYS B 195 -20.92 -17.59 5.26
C LYS B 195 -19.42 -17.46 5.41
N GLU B 196 -18.88 -16.32 5.06
CA GLU B 196 -17.44 -16.15 5.18
C GLU B 196 -16.95 -16.07 6.63
N VAL B 197 -17.61 -15.29 7.46
CA VAL B 197 -17.17 -15.19 8.84
C VAL B 197 -17.13 -16.53 9.58
N THR B 198 -18.07 -17.43 9.30
CA THR B 198 -18.09 -18.73 9.98
C THR B 198 -16.98 -19.69 9.54
N LYS B 199 -16.37 -19.44 8.38
CA LYS B 199 -15.35 -20.35 7.85
C LYS B 199 -14.12 -20.62 8.74
N ILE B 200 -13.46 -19.58 9.28
CA ILE B 200 -12.36 -19.87 10.25
C ILE B 200 -12.88 -20.07 11.69
N LYS B 201 -12.23 -20.96 12.45
CA LYS B 201 -12.39 -21.03 13.91
C LYS B 201 -11.58 -19.88 14.58
N VAL B 202 -12.24 -19.10 15.44
CA VAL B 202 -11.56 -18.07 16.22
C VAL B 202 -10.50 -18.72 17.11
N GLU B 203 -9.22 -18.58 16.76
CA GLU B 203 -8.12 -19.10 17.57
C GLU B 203 -7.09 -18.05 17.98
N PRO B 204 -6.61 -18.09 19.23
CA PRO B 204 -5.53 -17.20 19.65
C PRO B 204 -4.38 -17.25 18.65
N GLU B 205 -3.77 -16.08 18.39
CA GLU B 205 -2.72 -15.97 17.36
C GLU B 205 -1.88 -14.70 17.54
N GLU B 206 -0.76 -14.67 16.84
CA GLU B 206 0.09 -13.50 16.70
C GLU B 206 -0.69 -12.31 16.05
N PHE B 207 -0.51 -11.11 16.59
CA PHE B 207 -0.98 -9.90 15.92
C PHE B 207 -0.18 -9.67 14.65
N ASN B 208 -0.84 -9.21 13.59
CA ASN B 208 -0.13 -8.74 12.38
C ASN B 208 -0.35 -7.27 12.07
N PHE B 209 0.54 -6.71 11.27
CA PHE B 209 0.52 -5.28 11.03
C PHE B 209 0.64 -4.96 9.57
N LEU B 210 -0.10 -3.93 9.20
CA LEU B 210 -0.01 -3.29 7.87
C LEU B 210 1.44 -2.92 7.63
N TRP B 211 1.95 -3.15 6.45
CA TRP B 211 1.24 -3.78 5.36
C TRP B 211 1.94 -5.10 5.10
N SER B 212 2.16 -5.86 6.18
CA SER B 212 2.86 -7.15 6.10
C SER B 212 1.90 -8.15 5.46
N MET C 3 6.45 34.32 -15.96
CA MET C 3 5.03 34.74 -15.67
C MET C 3 4.21 33.59 -15.02
N THR C 4 4.34 32.40 -15.62
CA THR C 4 3.93 31.12 -15.00
C THR C 4 5.19 30.57 -14.27
N ASP C 5 6.08 31.49 -13.90
CA ASP C 5 7.39 31.17 -13.36
C ASP C 5 7.27 30.61 -11.92
N ASP C 6 7.84 29.42 -11.71
CA ASP C 6 7.72 28.71 -10.44
C ASP C 6 9.06 28.54 -9.75
N LYS C 7 9.88 29.58 -9.78
CA LYS C 7 11.16 29.45 -9.20
C LYS C 7 11.15 30.06 -7.83
N LYS C 8 11.93 29.41 -6.97
CA LYS C 8 12.19 29.78 -5.61
C LYS C 8 13.18 30.93 -5.58
N LYS C 9 12.71 32.07 -5.07
CA LYS C 9 13.51 33.30 -5.07
C LYS C 9 14.07 33.76 -3.70
N GLY C 10 13.53 33.24 -2.58
CA GLY C 10 14.05 33.63 -1.25
C GLY C 10 14.91 32.56 -0.63
N LYS C 11 15.59 32.86 0.47
CA LYS C 11 16.27 31.85 1.23
C LYS C 11 15.37 31.37 2.37
N PHE C 12 15.68 30.16 2.89
CA PHE C 12 14.86 29.46 3.85
C PHE C 12 15.79 28.91 4.88
N ILE C 13 15.69 29.45 6.10
CA ILE C 13 16.61 29.05 7.15
C ILE C 13 15.90 28.52 8.39
N VAL C 14 16.34 27.37 8.86
CA VAL C 14 15.77 26.63 9.98
C VAL C 14 16.73 26.66 11.14
N PHE C 15 16.19 26.79 12.35
CA PHE C 15 16.95 26.59 13.56
C PHE C 15 16.55 25.31 14.27
N GLU C 16 17.50 24.40 14.43
CA GLU C 16 17.33 23.23 15.27
C GLU C 16 18.18 23.23 16.55
N GLY C 17 17.67 22.56 17.59
CA GLY C 17 18.38 22.49 18.84
C GLY C 17 17.55 21.80 19.88
N LEU C 18 18.19 21.37 20.97
CA LEU C 18 17.53 20.81 22.15
C LEU C 18 16.65 21.86 22.82
N ASP C 19 15.89 21.40 23.81
CA ASP C 19 14.93 22.28 24.50
C ASP C 19 15.59 23.39 25.32
N ARG C 20 15.09 24.63 25.17
CA ARG C 20 15.72 25.82 25.73
C ARG C 20 17.20 26.07 25.26
N SER C 21 17.66 25.48 24.16
CA SER C 21 19.02 25.76 23.65
C SER C 21 19.27 27.21 23.11
N GLY C 22 18.23 28.03 23.02
CA GLY C 22 18.37 29.39 22.57
C GLY C 22 17.88 29.64 21.16
N LYS C 23 16.93 28.83 20.68
CA LYS C 23 16.41 28.92 19.30
C LYS C 23 15.64 30.19 18.99
N SER C 24 14.83 30.67 19.92
CA SER C 24 13.99 31.85 19.65
C SER C 24 14.90 33.08 19.74
N THR C 25 15.94 32.93 20.56
CA THR C 25 16.80 34.05 20.88
C THR C 25 17.51 34.38 19.56
N GLN C 26 18.17 33.36 19.02
CA GLN C 26 19.04 33.52 17.87
C GLN C 26 18.22 33.81 16.65
N SER C 27 17.01 33.25 16.59
CA SER C 27 16.14 33.41 15.43
C SER C 27 15.63 34.83 15.39
N LYS C 28 15.21 35.36 16.53
CA LYS C 28 14.79 36.78 16.58
C LYS C 28 15.96 37.76 16.21
N LEU C 29 17.17 37.37 16.61
CA LEU C 29 18.36 38.19 16.39
C LEU C 29 18.80 38.11 14.93
N LEU C 30 18.75 36.93 14.34
CA LEU C 30 18.97 36.84 12.93
C LEU C 30 17.88 37.58 12.12
N VAL C 31 16.63 37.57 12.56
CA VAL C 31 15.57 38.22 11.79
C VAL C 31 15.80 39.74 11.75
N GLU C 32 16.17 40.36 12.87
CA GLU C 32 16.43 41.79 12.82
C GLU C 32 17.61 42.15 11.94
N TYR C 33 18.73 41.49 12.14
CA TYR C 33 19.88 41.69 11.24
C TYR C 33 19.47 41.69 9.77
N LEU C 34 18.64 40.73 9.37
CA LEU C 34 18.07 40.70 8.00
C LEU C 34 17.22 41.90 7.60
N LYS C 35 16.64 42.57 8.57
CA LYS C 35 15.79 43.70 8.26
C LYS C 35 16.63 44.96 8.22
N ASN C 36 17.72 44.93 8.98
CA ASN C 36 18.70 46.00 8.99
C ASN C 36 19.78 45.76 7.95
N ASN C 37 19.43 45.01 6.92
CA ASN C 37 20.34 44.77 5.78
C ASN C 37 19.45 44.65 4.55
N ASN C 38 18.30 45.27 4.65
CA ASN C 38 17.32 45.26 3.60
C ASN C 38 16.89 43.90 2.96
N VAL C 39 16.50 42.93 3.76
CA VAL C 39 15.87 41.71 3.19
C VAL C 39 14.46 41.53 3.77
N GLU C 40 13.45 41.29 2.93
CA GLU C 40 12.20 40.64 3.41
C GLU C 40 12.47 39.35 4.19
N VAL C 41 11.98 39.25 5.41
CA VAL C 41 12.06 37.98 6.11
C VAL C 41 10.84 37.66 6.98
N LYS C 42 10.29 36.44 6.85
CA LYS C 42 9.24 35.97 7.72
C LYS C 42 9.81 34.99 8.74
N HIS C 43 9.55 35.30 10.02
CA HIS C 43 9.79 34.43 11.17
C HIS C 43 8.56 33.50 11.28
N LEU C 44 8.79 32.19 11.30
CA LEU C 44 7.78 31.20 11.56
C LEU C 44 8.37 30.25 12.57
N TYR C 45 7.50 29.46 13.16
CA TYR C 45 7.91 28.58 14.26
C TYR C 45 7.06 27.29 14.15
N PHE C 46 7.68 26.18 14.59
CA PHE C 46 7.06 24.89 14.71
C PHE C 46 7.32 24.29 16.06
N PRO C 47 6.26 23.73 16.65
CA PRO C 47 4.92 23.73 16.11
C PRO C 47 4.29 25.06 16.18
N ASN C 48 3.50 25.37 15.16
CA ASN C 48 2.53 26.42 15.26
C ASN C 48 1.29 26.01 16.09
N ARG C 49 1.30 26.45 17.35
CA ARG C 49 0.31 26.08 18.38
C ARG C 49 -1.04 26.77 18.13
N GLU C 50 -1.09 27.69 17.17
CA GLU C 50 -2.29 28.47 17.00
C GLU C 50 -3.32 27.73 16.27
N THR C 51 -2.93 26.77 15.41
CA THR C 51 -3.96 26.07 14.57
C THR C 51 -4.71 24.98 15.35
N GLY C 52 -5.85 24.58 14.76
CA GLY C 52 -6.68 23.40 15.12
C GLY C 52 -5.81 22.24 15.48
N ILE C 53 -4.86 21.89 14.61
CA ILE C 53 -3.91 20.83 14.93
C ILE C 53 -2.94 21.30 15.98
N GLY C 54 -2.56 22.57 15.87
CA GLY C 54 -1.60 23.15 16.84
C GLY C 54 -2.07 23.07 18.29
N GLN C 55 -3.26 23.60 18.56
CA GLN C 55 -3.93 23.42 19.85
C GLN C 55 -3.79 22.01 20.54
N ILE C 56 -3.93 20.97 19.75
CA ILE C 56 -3.93 19.68 20.29
C ILE C 56 -2.50 19.33 20.61
N ILE C 57 -1.60 19.77 19.73
CA ILE C 57 -0.18 19.55 20.01
C ILE C 57 0.16 20.31 21.32
N SER C 58 -0.40 21.51 21.47
CA SER C 58 -0.04 22.30 22.62
C SER C 58 -0.44 21.55 23.91
N LYS C 59 -1.69 21.05 23.95
CA LYS C 59 -2.12 20.30 25.11
C LYS C 59 -1.25 19.08 25.30
N TYR C 60 -0.80 18.49 24.23
CA TYR C 60 0.06 17.36 24.45
C TYR C 60 1.34 17.78 25.21
N LEU C 61 1.97 18.87 24.78
CA LEU C 61 3.32 19.24 25.34
C LEU C 61 3.22 19.67 26.81
N LYS C 62 2.12 20.37 27.07
CA LYS C 62 1.72 20.76 28.41
C LYS C 62 1.28 19.59 29.31
N MET C 63 1.12 18.39 28.73
CA MET C 63 0.54 17.23 29.44
C MET C 63 -0.89 17.46 29.97
N GLU C 64 -1.68 18.27 29.25
CA GLU C 64 -3.13 18.44 29.50
C GLU C 64 -4.00 17.38 28.77
N ASN C 65 -3.45 16.79 27.70
CA ASN C 65 -3.99 15.52 27.17
C ASN C 65 -2.78 14.59 27.09
N SER C 66 -3.04 13.34 26.67
CA SER C 66 -2.03 12.45 26.20
C SER C 66 -2.52 11.74 24.93
N MET C 67 -1.61 11.19 24.13
CA MET C 67 -2.00 10.32 23.04
C MET C 67 -0.84 9.43 22.76
N SER C 68 -1.03 8.44 21.90
CA SER C 68 0.03 7.52 21.54
C SER C 68 1.07 8.25 20.72
N ASN C 69 2.19 7.58 20.55
CA ASN C 69 3.31 8.21 19.93
C ASN C 69 3.00 8.47 18.47
N GLU C 70 2.48 7.44 17.79
CA GLU C 70 2.23 7.56 16.38
C GLU C 70 1.27 8.71 16.09
N THR C 71 0.25 8.88 16.92
CA THR C 71 -0.71 9.92 16.69
C THR C 71 -0.03 11.30 16.75
N ILE C 72 0.85 11.54 17.73
CA ILE C 72 1.30 12.89 18.02
C ILE C 72 2.28 13.29 16.91
N HIS C 73 3.12 12.35 16.54
CA HIS C 73 4.04 12.51 15.42
C HIS C 73 3.31 12.94 14.17
N LEU C 74 2.17 12.31 13.86
CA LEU C 74 1.48 12.60 12.61
C LEU C 74 0.80 13.95 12.66
N LEU C 75 0.38 14.36 13.84
CA LEU C 75 -0.11 15.72 14.08
C LEU C 75 1.02 16.73 13.87
N PHE C 76 2.26 16.41 14.25
CA PHE C 76 3.33 17.43 14.14
C PHE C 76 3.54 17.62 12.67
N SER C 77 3.74 16.49 11.99
CA SER C 77 3.90 16.46 10.56
C SER C 77 2.79 17.15 9.82
N ALA C 78 1.53 16.81 10.10
CA ALA C 78 0.44 17.52 9.45
C ALA C 78 0.51 19.04 9.65
N ASN C 79 0.93 19.46 10.84
CA ASN C 79 1.06 20.87 11.19
C ASN C 79 2.15 21.54 10.29
N ARG C 80 3.26 20.83 10.07
CA ARG C 80 4.25 21.28 9.09
C ARG C 80 3.59 21.37 7.71
N TRP C 81 2.77 20.39 7.32
CA TRP C 81 2.19 20.44 6.00
C TRP C 81 1.25 21.59 5.79
N GLU C 82 0.66 22.08 6.87
CA GLU C 82 -0.36 23.10 6.69
C GLU C 82 0.28 24.46 6.44
N HIS C 83 1.62 24.46 6.50
CA HIS C 83 2.39 25.68 6.27
C HIS C 83 3.12 25.78 4.91
N MET C 84 3.03 24.75 4.07
CA MET C 84 3.80 24.71 2.79
C MET C 84 3.27 25.68 1.75
N ASN C 85 2.00 25.94 1.83
CA ASN C 85 1.41 26.85 0.92
C ASN C 85 1.88 28.27 1.23
N GLU C 86 1.79 28.69 2.49
CA GLU C 86 2.34 29.95 2.90
C GLU C 86 3.83 30.07 2.54
N ILE C 87 4.64 29.12 2.93
CA ILE C 87 6.07 29.13 2.71
C ILE C 87 6.42 29.08 1.21
N LYS C 88 5.61 28.37 0.40
CA LYS C 88 5.95 28.31 -1.03
C LYS C 88 5.72 29.69 -1.63
N SER C 89 4.62 30.32 -1.22
CA SER C 89 4.30 31.68 -1.63
C SER C 89 5.32 32.70 -1.23
N LEU C 90 5.84 32.59 -0.03
CA LEU C 90 6.73 33.62 0.41
C LEU C 90 7.94 33.49 -0.50
N LEU C 91 8.47 32.27 -0.60
CA LEU C 91 9.68 32.00 -1.33
C LEU C 91 9.52 32.30 -2.80
N LEU C 92 8.36 32.01 -3.39
CA LEU C 92 8.06 32.38 -4.81
C LEU C 92 8.19 33.86 -5.02
N LYS C 93 7.77 34.63 -4.01
CA LYS C 93 7.71 36.08 -4.09
C LYS C 93 9.04 36.73 -3.78
N GLY C 94 9.97 36.01 -3.16
CA GLY C 94 11.24 36.62 -2.76
C GLY C 94 11.48 36.86 -1.30
N ILE C 95 10.48 36.56 -0.46
CA ILE C 95 10.63 36.85 0.96
C ILE C 95 11.46 35.77 1.66
N TRP C 96 12.27 36.14 2.63
CA TRP C 96 12.94 35.06 3.29
C TRP C 96 12.06 34.40 4.34
N VAL C 97 12.33 33.12 4.60
CA VAL C 97 11.74 32.43 5.71
C VAL C 97 12.79 31.97 6.72
N VAL C 98 12.68 32.51 7.93
CA VAL C 98 13.43 32.01 9.09
C VAL C 98 12.46 31.24 10.01
N CYS C 99 12.87 30.04 10.41
CA CYS C 99 12.00 29.08 11.03
C CYS C 99 12.60 28.48 12.27
N ASP C 100 11.83 28.59 13.34
CA ASP C 100 12.11 27.92 14.58
C ASP C 100 11.58 26.44 14.48
N ARG C 101 12.50 25.48 14.30
CA ARG C 101 12.23 24.01 14.21
C ARG C 101 11.62 23.56 12.88
N TYR C 102 11.91 22.32 12.49
CA TYR C 102 11.37 21.75 11.24
C TYR C 102 11.38 20.22 11.37
N ALA C 103 11.22 19.52 10.26
CA ALA C 103 11.14 18.07 10.32
C ALA C 103 12.32 17.35 11.03
N TYR C 104 13.46 18.01 11.19
CA TYR C 104 14.61 17.41 11.94
C TYR C 104 14.21 17.14 13.43
N SER C 105 13.46 18.07 13.99
CA SER C 105 12.79 17.83 15.27
C SER C 105 12.00 16.52 15.23
N GLY C 106 11.22 16.36 14.17
CA GLY C 106 10.40 15.18 14.07
C GLY C 106 11.19 13.92 14.28
N VAL C 107 12.38 13.89 13.72
CA VAL C 107 13.23 12.75 13.87
C VAL C 107 13.88 12.70 15.27
N ALA C 108 14.56 13.78 15.66
CA ALA C 108 15.28 13.76 16.91
C ALA C 108 14.34 13.34 18.04
N TYR C 109 13.21 14.02 18.13
CA TYR C 109 12.22 13.74 19.12
C TYR C 109 11.45 12.38 18.94
N SER C 110 10.77 12.20 17.80
CA SER C 110 9.83 11.11 17.70
C SER C 110 10.60 9.78 17.70
N SER C 111 11.80 9.80 17.14
CA SER C 111 12.59 8.59 17.21
C SER C 111 13.51 8.53 18.41
N GLY C 112 13.94 9.68 18.90
CA GLY C 112 14.86 9.69 20.04
C GLY C 112 14.08 9.53 21.33
N ALA C 113 13.33 10.57 21.68
CA ALA C 113 12.38 10.56 22.81
C ALA C 113 11.31 9.47 22.77
N LEU C 114 10.64 9.19 21.64
CA LEU C 114 9.55 8.18 21.72
C LEU C 114 9.87 6.83 21.14
N ASN C 115 11.11 6.62 20.71
CA ASN C 115 11.56 5.31 20.24
C ASN C 115 10.85 4.73 19.04
N LEU C 116 10.15 5.60 18.33
CA LEU C 116 9.58 5.26 17.04
C LEU C 116 10.68 5.04 16.02
N ASN C 117 10.47 4.16 15.06
CA ASN C 117 11.44 3.88 14.01
C ASN C 117 11.73 5.05 13.05
N LYS C 118 13.00 5.43 12.88
CA LYS C 118 13.45 6.60 12.13
C LYS C 118 12.79 6.80 10.74
N THR C 119 12.89 5.79 9.89
CA THR C 119 12.28 5.80 8.56
C THR C 119 10.78 6.10 8.69
N TRP C 120 10.10 5.46 9.63
CA TRP C 120 8.68 5.73 9.79
C TRP C 120 8.38 7.19 10.13
N CYS C 121 9.16 7.81 10.99
CA CYS C 121 8.92 9.25 11.31
C CYS C 121 9.22 10.22 10.15
N MET C 122 10.21 9.87 9.37
CA MET C 122 10.62 10.66 8.25
C MET C 122 9.58 10.63 7.13
N ASN C 123 8.92 9.50 6.95
CA ASN C 123 8.07 9.29 5.82
C ASN C 123 7.07 10.38 5.59
N PRO C 124 6.21 10.68 6.57
CA PRO C 124 5.21 11.68 6.32
C PRO C 124 5.85 13.05 6.04
N ASP C 125 7.06 13.27 6.52
CA ASP C 125 7.68 14.53 6.24
C ASP C 125 8.28 14.66 4.82
N GLN C 126 8.44 13.56 4.13
CA GLN C 126 8.92 13.61 2.79
C GLN C 126 8.00 14.48 1.89
N GLY C 127 8.60 15.34 1.06
CA GLY C 127 7.80 16.23 0.20
C GLY C 127 7.72 17.67 0.68
N LEU C 128 7.99 17.91 1.96
CA LEU C 128 8.18 19.24 2.49
C LEU C 128 9.35 19.96 1.78
N ILE C 129 9.27 21.28 1.73
CA ILE C 129 10.26 22.11 1.09
C ILE C 129 11.50 22.06 1.92
N LYS C 130 12.64 21.95 1.23
CA LYS C 130 13.94 21.79 1.84
C LYS C 130 14.52 23.12 2.15
N PRO C 131 15.01 23.37 3.37
CA PRO C 131 15.64 24.68 3.58
C PRO C 131 17.04 24.79 2.96
N ASP C 132 17.56 25.98 2.94
CA ASP C 132 18.92 26.18 2.45
C ASP C 132 19.86 25.86 3.56
N VAL C 133 19.60 26.38 4.75
CA VAL C 133 20.51 26.06 5.84
C VAL C 133 19.77 25.81 7.19
N VAL C 134 20.35 24.87 7.97
CA VAL C 134 19.92 24.56 9.35
C VAL C 134 21.06 24.90 10.28
N PHE C 135 20.83 25.86 11.18
CA PHE C 135 21.74 26.02 12.32
C PHE C 135 21.33 25.13 13.51
N TYR C 136 22.17 24.15 13.82
CA TYR C 136 22.00 23.32 15.01
C TYR C 136 22.70 23.98 16.19
N LEU C 137 21.91 24.42 17.18
CA LEU C 137 22.45 25.12 18.37
C LEU C 137 22.86 24.08 19.42
N ASN C 138 24.03 23.49 19.16
CA ASN C 138 24.60 22.41 19.94
C ASN C 138 24.98 22.82 21.35
N VAL C 139 24.45 22.05 22.31
CA VAL C 139 24.75 22.17 23.72
C VAL C 139 24.74 20.74 24.25
N PRO C 140 25.52 20.46 25.33
CA PRO C 140 25.32 19.11 25.90
C PRO C 140 23.87 18.87 26.39
N PRO C 141 23.44 17.59 26.36
CA PRO C 141 22.12 17.14 26.80
C PRO C 141 21.68 17.67 28.18
N ASN C 142 22.64 18.06 29.04
CA ASN C 142 22.33 18.54 30.41
C ASN C 142 22.67 19.99 30.72
N TYR C 143 23.09 20.71 29.70
CA TYR C 143 23.55 22.08 29.82
C TYR C 143 22.45 23.05 30.21
N ALA C 144 21.31 22.94 29.53
CA ALA C 144 20.28 23.98 29.55
C ALA C 144 19.28 23.81 30.67
N GLN C 145 19.48 22.81 31.54
CA GLN C 145 18.45 22.48 32.55
C GLN C 145 18.21 23.60 33.57
N ASN C 146 19.14 24.53 33.67
CA ASN C 146 18.94 25.71 34.52
C ASN C 146 17.98 26.77 33.92
N ARG C 147 17.78 26.74 32.61
CA ARG C 147 17.10 27.85 31.91
C ARG C 147 15.63 28.05 32.28
N SER C 148 15.20 29.31 32.20
CA SER C 148 13.85 29.69 32.65
C SER C 148 12.73 28.77 32.07
N ASP C 149 12.07 27.98 32.95
CA ASP C 149 10.86 27.12 32.64
C ASP C 149 11.10 25.62 32.33
N TYR C 150 12.37 25.26 32.18
CA TYR C 150 12.75 23.93 31.74
C TYR C 150 12.08 22.91 32.65
N GLY C 151 11.41 21.94 32.03
CA GLY C 151 10.70 20.89 32.75
C GLY C 151 9.21 21.12 32.83
N GLU C 152 8.78 22.33 32.47
CA GLU C 152 7.34 22.62 32.34
C GLU C 152 6.64 21.83 31.19
N GLU C 153 7.40 21.33 30.21
CA GLU C 153 6.80 20.63 29.09
C GLU C 153 7.44 19.26 28.93
N ILE C 154 6.76 18.40 28.16
CA ILE C 154 6.94 16.96 28.23
C ILE C 154 8.37 16.38 28.09
N TYR C 155 9.18 16.90 27.19
CA TYR C 155 10.47 16.22 26.84
C TYR C 155 11.71 16.76 27.59
N GLU C 156 11.49 17.86 28.33
CA GLU C 156 12.51 18.51 29.16
C GLU C 156 12.76 17.67 30.45
N LYS C 157 13.32 16.48 30.25
CA LYS C 157 13.96 15.71 31.31
C LYS C 157 15.30 15.32 30.77
N VAL C 158 16.28 15.38 31.64
CA VAL C 158 17.63 15.09 31.24
C VAL C 158 17.78 13.77 30.48
N GLU C 159 17.22 12.67 30.97
CA GLU C 159 17.38 11.38 30.25
C GLU C 159 16.74 11.45 28.85
N THR C 160 15.64 12.20 28.72
CA THR C 160 15.00 12.34 27.43
C THR C 160 15.90 13.22 26.49
N GLN C 161 16.32 14.37 27.02
CA GLN C 161 17.29 15.22 26.34
C GLN C 161 18.46 14.46 25.73
N LYS C 162 19.01 13.51 26.47
CA LYS C 162 20.13 12.65 25.98
C LYS C 162 19.81 11.81 24.79
N LYS C 163 18.62 11.20 24.80
CA LYS C 163 18.13 10.46 23.62
C LYS C 163 18.05 11.41 22.43
N ILE C 164 17.43 12.58 22.63
CA ILE C 164 17.16 13.52 21.57
C ILE C 164 18.49 13.93 20.92
N TYR C 165 19.41 14.37 21.79
CA TYR C 165 20.72 14.86 21.43
C TYR C 165 21.46 13.79 20.63
N GLU C 166 21.42 12.57 21.13
CA GLU C 166 22.06 11.47 20.41
C GLU C 166 21.51 11.25 18.98
N THR C 167 20.22 11.52 18.78
CA THR C 167 19.58 11.22 17.50
C THR C 167 19.68 12.40 16.50
N TYR C 168 19.77 13.64 17.02
CA TYR C 168 20.17 14.78 16.18
C TYR C 168 21.50 14.53 15.47
N LYS C 169 22.35 13.67 16.04
CA LYS C 169 23.62 13.30 15.37
C LYS C 169 23.39 12.70 14.01
N HIS C 170 22.29 11.99 13.84
CA HIS C 170 21.84 11.46 12.56
C HIS C 170 21.95 12.51 11.44
N PHE C 171 21.91 13.79 11.81
CA PHE C 171 22.00 14.87 10.81
C PHE C 171 23.35 15.57 10.72
N ALA C 172 24.25 15.33 11.66
CA ALA C 172 25.46 16.16 11.78
C ALA C 172 26.31 16.20 10.50
N HIS C 173 26.26 15.13 9.72
CA HIS C 173 27.07 15.01 8.51
C HIS C 173 26.75 16.03 7.39
N GLU C 174 25.51 16.54 7.36
CA GLU C 174 24.96 17.11 6.12
C GLU C 174 25.50 18.47 5.76
N ASP C 175 25.61 18.72 4.45
CA ASP C 175 26.15 20.01 3.97
C ASP C 175 25.29 21.23 4.37
N TYR C 176 23.97 21.02 4.44
CA TYR C 176 23.04 22.06 4.92
C TYR C 176 23.08 22.25 6.43
N TRP C 177 23.81 21.37 7.13
CA TRP C 177 23.86 21.34 8.60
C TRP C 177 25.05 22.14 9.16
N ILE C 178 24.77 23.16 9.96
CA ILE C 178 25.84 23.95 10.53
C ILE C 178 25.85 23.90 12.05
N ASN C 179 26.77 23.10 12.58
CA ASN C 179 26.88 22.87 14.01
C ASN C 179 27.36 24.15 14.63
N ILE C 180 26.61 24.69 15.59
CA ILE C 180 27.02 25.94 16.17
C ILE C 180 27.18 25.71 17.63
N ASP C 181 28.34 26.05 18.19
CA ASP C 181 28.59 25.92 19.62
C ASP C 181 27.77 26.92 20.47
N ALA C 182 26.62 26.47 20.96
CA ALA C 182 25.75 27.32 21.79
C ALA C 182 26.09 27.36 23.29
N THR C 183 27.25 26.82 23.68
CA THR C 183 27.75 27.06 25.05
C THR C 183 28.30 28.47 25.24
N ARG C 184 28.24 29.29 24.19
CA ARG C 184 28.83 30.62 24.22
C ARG C 184 27.82 31.66 24.68
N LYS C 185 28.24 32.92 24.68
CA LYS C 185 27.37 34.04 25.05
C LYS C 185 26.56 34.33 23.82
N ILE C 186 25.44 35.03 24.03
CA ILE C 186 24.50 35.36 22.98
C ILE C 186 25.16 36.09 21.77
N GLU C 187 25.80 37.24 22.04
CA GLU C 187 26.47 38.09 21.00
C GLU C 187 27.33 37.25 20.08
N ASP C 188 28.15 36.40 20.71
CA ASP C 188 29.10 35.48 20.07
C ASP C 188 28.51 34.42 19.15
N ILE C 189 27.45 33.77 19.64
CA ILE C 189 26.68 32.81 18.85
C ILE C 189 26.07 33.53 17.63
N HIS C 190 25.45 34.68 17.89
CA HIS C 190 24.84 35.44 16.82
C HIS C 190 25.86 35.73 15.70
N ASN C 191 26.98 36.35 16.09
CA ASN C 191 28.15 36.54 15.22
C ASN C 191 28.39 35.42 14.28
N ASP C 192 28.75 34.27 14.86
CA ASP C 192 29.09 33.09 14.07
C ASP C 192 28.00 32.74 13.04
N ILE C 193 26.75 33.12 13.35
CA ILE C 193 25.61 32.89 12.43
C ILE C 193 25.65 33.88 11.27
N VAL C 194 25.72 35.16 11.60
CA VAL C 194 25.91 36.18 10.57
C VAL C 194 26.92 35.76 9.48
N LYS C 195 28.12 35.39 9.91
CA LYS C 195 29.21 35.10 8.99
C LYS C 195 28.81 34.03 7.98
N GLU C 196 28.22 32.95 8.50
CA GLU C 196 27.70 31.92 7.61
C GLU C 196 26.61 32.47 6.70
N VAL C 197 25.89 33.50 7.14
CA VAL C 197 24.74 33.97 6.37
C VAL C 197 25.12 34.86 5.22
N THR C 198 26.21 35.60 5.37
CA THR C 198 26.72 36.42 4.26
C THR C 198 27.30 35.57 3.13
N LYS C 199 27.81 34.39 3.47
CA LYS C 199 28.33 33.46 2.46
C LYS C 199 27.27 33.10 1.40
N ILE C 200 26.10 32.68 1.86
CA ILE C 200 24.93 32.34 1.01
C ILE C 200 24.80 33.12 -0.32
N LYS C 201 24.67 32.41 -1.44
CA LYS C 201 24.50 33.02 -2.78
C LYS C 201 23.22 33.85 -2.79
N VAL C 202 22.54 33.98 -3.93
CA VAL C 202 21.19 34.54 -3.89
C VAL C 202 20.50 34.58 -5.24
N GLU C 203 20.31 33.43 -5.87
CA GLU C 203 19.74 33.43 -7.22
C GLU C 203 18.37 32.79 -7.23
N PRO C 204 17.54 33.14 -8.22
CA PRO C 204 16.39 32.29 -8.39
C PRO C 204 16.90 30.86 -8.55
N GLU C 205 16.21 29.90 -7.95
CA GLU C 205 16.62 28.51 -8.06
C GLU C 205 15.40 27.61 -8.07
N GLU C 206 15.64 26.33 -8.31
CA GLU C 206 14.59 25.32 -8.17
C GLU C 206 14.27 25.08 -6.70
N PHE C 207 13.02 24.82 -6.39
CA PHE C 207 12.65 24.31 -5.06
C PHE C 207 13.21 22.90 -4.86
N ASN C 208 13.79 22.64 -3.70
CA ASN C 208 14.06 21.27 -3.33
C ASN C 208 13.18 20.75 -2.19
N PHE C 209 13.06 19.42 -2.11
CA PHE C 209 12.13 18.78 -1.20
C PHE C 209 12.79 17.72 -0.35
N LEU C 210 12.36 17.62 0.89
CA LEU C 210 12.81 16.56 1.78
C LEU C 210 12.48 15.22 1.16
N TRP C 211 13.36 14.22 1.33
CA TRP C 211 14.65 14.37 2.01
C TRP C 211 15.83 14.26 1.01
N SER C 212 15.66 14.84 -0.18
CA SER C 212 16.74 14.90 -1.15
C SER C 212 17.99 15.58 -0.61
#